data_8WL7
#
_entry.id   8WL7
#
_cell.length_a   58.230
_cell.length_b   64.560
_cell.length_c   89.990
_cell.angle_alpha   90.00
_cell.angle_beta   90.00
_cell.angle_gamma   90.00
#
_symmetry.space_group_name_H-M   'P 21 21 21'
#
loop_
_entity.id
_entity.type
_entity.pdbx_description
1 polymer 'Allose ABC transporter'
2 non-polymer beta-D-allopyranose
3 water water
#
_entity_poly.entity_id   1
_entity_poly.type   'polypeptide(L)'
_entity_poly.pdbx_seq_one_letter_code
;MGSSHHHHHHSSGLVPRGSHMAAEYAVVLKTLSNPFWVDMKKGIEDEAKTLGVSVDIFASPSEGDFQSQLQLFEDLSNKK
YKGIAFAPLSSVNLVMPVARAWQKGLYLVNLDEKIDMDNLKKAGGNVEGFVTTDNVAVGAKGADFIINKLGAEGGEVAII
EGKAGNASGEARRNGATEAFKKANQIKLVASQPADWDRIKALDVATNVLQRNPNLKAFYCANDTMAMGVAQAVANAGKIG
KVLVVGTDGIPEARKMVEAGQMTATVAQNPADIGATGLKLMVDAAKTGKVIPLEKTPEFKLVDSILVTK
;
_entity_poly.pdbx_strand_id   A
#
loop_
_chem_comp.id
_chem_comp.type
_chem_comp.name
_chem_comp.formula
ALL D-saccharide, beta linking beta-D-allopyranose 'C6 H12 O6'
#
# COMPACT_ATOMS: atom_id res chain seq x y z
N ALA A 22 5.13 20.83 -19.83
CA ALA A 22 5.49 20.05 -18.59
C ALA A 22 5.34 20.94 -17.33
N ALA A 23 4.66 20.41 -16.32
CA ALA A 23 4.25 21.08 -15.06
C ALA A 23 5.49 21.35 -14.20
N GLU A 24 5.31 22.00 -13.06
CA GLU A 24 6.36 22.22 -12.04
C GLU A 24 6.80 20.87 -11.47
N TYR A 25 5.83 20.00 -11.13
CA TYR A 25 6.07 18.74 -10.40
C TYR A 25 5.56 17.56 -11.20
N ALA A 26 6.17 16.40 -11.00
CA ALA A 26 5.73 15.10 -11.53
C ALA A 26 5.35 14.19 -10.36
N VAL A 27 4.41 13.31 -10.62
CA VAL A 27 4.04 12.22 -9.69
C VAL A 27 4.05 10.90 -10.47
N VAL A 28 4.63 9.86 -9.86
CA VAL A 28 4.60 8.47 -10.40
C VAL A 28 3.89 7.59 -9.37
N LEU A 29 2.66 7.16 -9.70
CA LEU A 29 1.84 6.23 -8.90
C LEU A 29 1.97 4.80 -9.43
N LYS A 30 1.44 3.82 -8.68
CA LYS A 30 1.53 2.40 -9.12
C LYS A 30 0.70 2.16 -10.40
N THR A 31 -0.61 2.05 -10.26
CA THR A 31 -1.52 1.70 -11.37
C THR A 31 -2.93 2.22 -11.07
N LEU A 32 -3.52 2.92 -12.03
CA LEU A 32 -4.88 3.47 -11.88
C LEU A 32 -5.92 2.37 -12.10
N SER A 33 -5.48 1.12 -12.29
CA SER A 33 -6.36 -0.08 -12.32
C SER A 33 -6.92 -0.34 -10.92
N ASN A 34 -6.35 0.30 -9.90
CA ASN A 34 -6.70 0.07 -8.47
C ASN A 34 -7.21 1.39 -7.91
N PRO A 35 -8.49 1.45 -7.47
CA PRO A 35 -9.10 2.69 -6.99
C PRO A 35 -8.27 3.44 -5.95
N PHE A 36 -7.51 2.71 -5.13
CA PHE A 36 -6.60 3.34 -4.13
C PHE A 36 -5.75 4.42 -4.84
N TRP A 37 -5.16 4.08 -5.98
CA TRP A 37 -4.25 4.98 -6.73
C TRP A 37 -5.07 6.06 -7.46
N VAL A 38 -6.28 5.72 -7.91
CA VAL A 38 -7.21 6.70 -8.54
C VAL A 38 -7.54 7.81 -7.52
N ASP A 39 -7.79 7.43 -6.26
CA ASP A 39 -8.15 8.39 -5.18
C ASP A 39 -6.90 9.20 -4.79
N MET A 40 -5.72 8.59 -4.83
CA MET A 40 -4.48 9.35 -4.52
C MET A 40 -4.26 10.41 -5.61
N LYS A 41 -4.46 10.03 -6.87
CA LYS A 41 -4.32 10.95 -8.02
C LYS A 41 -5.23 12.17 -7.82
N LYS A 42 -6.49 11.95 -7.45
CA LYS A 42 -7.50 13.03 -7.28
C LYS A 42 -7.12 13.88 -6.06
N GLY A 43 -6.64 13.27 -4.99
CA GLY A 43 -6.17 14.03 -3.80
C GLY A 43 -5.05 15.00 -4.21
N ILE A 44 -4.12 14.54 -5.01
CA ILE A 44 -2.93 15.32 -5.43
C ILE A 44 -3.39 16.47 -6.33
N GLU A 45 -4.29 16.19 -7.28
CA GLU A 45 -4.85 17.20 -8.22
C GLU A 45 -5.56 18.29 -7.42
N ASP A 46 -6.31 17.93 -6.37
CA ASP A 46 -7.03 18.93 -5.52
C ASP A 46 -5.98 19.78 -4.80
N GLU A 47 -4.98 19.13 -4.21
CA GLU A 47 -3.99 19.84 -3.40
C GLU A 47 -3.18 20.76 -4.31
N ALA A 48 -2.90 20.34 -5.54
CA ALA A 48 -2.10 21.19 -6.48
C ALA A 48 -2.86 22.49 -6.76
N LYS A 49 -4.18 22.41 -6.90
CA LYS A 49 -5.03 23.61 -7.12
C LYS A 49 -5.04 24.47 -5.85
N THR A 50 -5.13 23.82 -4.69
CA THR A 50 -5.12 24.48 -3.36
C THR A 50 -3.81 25.24 -3.18
N LEU A 51 -2.69 24.70 -3.66
CA LEU A 51 -1.34 25.30 -3.44
C LEU A 51 -0.99 26.25 -4.59
N GLY A 52 -1.73 26.18 -5.70
CA GLY A 52 -1.43 26.92 -6.93
C GLY A 52 -0.18 26.42 -7.63
N VAL A 53 0.03 25.11 -7.68
CA VAL A 53 1.18 24.50 -8.42
C VAL A 53 0.65 23.54 -9.48
N SER A 54 1.35 23.42 -10.60
CA SER A 54 1.01 22.48 -11.68
C SER A 54 1.67 21.13 -11.42
N VAL A 55 0.97 20.05 -11.72
CA VAL A 55 1.41 18.65 -11.49
C VAL A 55 1.04 17.84 -12.72
N ASP A 56 1.99 17.05 -13.24
CA ASP A 56 1.77 15.92 -14.16
C ASP A 56 1.81 14.59 -13.41
N ILE A 57 0.79 13.76 -13.57
CA ILE A 57 0.65 12.51 -12.79
C ILE A 57 0.65 11.32 -13.75
N PHE A 58 1.55 10.39 -13.53
CA PHE A 58 1.72 9.17 -14.35
C PHE A 58 1.56 7.94 -13.48
N ALA A 59 1.22 6.83 -14.14
CA ALA A 59 1.18 5.49 -13.50
C ALA A 59 1.42 4.45 -14.58
N SER A 60 1.87 3.29 -14.14
CA SER A 60 2.12 2.09 -14.97
C SER A 60 0.78 1.43 -15.27
N PRO A 61 0.67 0.74 -16.43
CA PRO A 61 -0.55 0.01 -16.77
C PRO A 61 -0.95 -0.96 -15.65
N SER A 62 0.01 -1.65 -15.04
CA SER A 62 -0.26 -2.86 -14.24
C SER A 62 0.71 -2.95 -13.03
N GLU A 63 0.35 -3.72 -12.00
CA GLU A 63 1.24 -4.09 -10.86
C GLU A 63 2.55 -4.75 -11.32
N GLY A 64 2.58 -5.42 -12.48
CA GLY A 64 3.75 -6.24 -12.91
C GLY A 64 4.91 -5.38 -13.44
N ASP A 65 4.69 -4.08 -13.66
CA ASP A 65 5.44 -3.29 -14.67
C ASP A 65 6.63 -2.58 -14.02
N PHE A 66 7.54 -3.36 -13.42
CA PHE A 66 8.70 -2.81 -12.68
C PHE A 66 9.57 -1.99 -13.64
N GLN A 67 9.87 -2.55 -14.82
CA GLN A 67 10.84 -1.97 -15.79
C GLN A 67 10.23 -0.70 -16.42
N SER A 68 8.99 -0.76 -16.92
CA SER A 68 8.26 0.42 -17.48
C SER A 68 8.24 1.54 -16.44
N GLN A 69 7.93 1.21 -15.19
CA GLN A 69 7.81 2.26 -14.16
C GLN A 69 9.18 2.93 -13.98
N LEU A 70 10.25 2.12 -14.13
CA LEU A 70 11.65 2.63 -14.05
C LEU A 70 11.89 3.62 -15.20
N GLN A 71 11.52 3.21 -16.42
CA GLN A 71 11.76 3.96 -17.68
C GLN A 71 10.91 5.25 -17.63
N LEU A 72 9.67 5.11 -17.20
CA LEU A 72 8.75 6.25 -16.94
C LEU A 72 9.42 7.26 -16.00
N PHE A 73 9.89 6.81 -14.84
CA PHE A 73 10.54 7.74 -13.88
C PHE A 73 11.73 8.41 -14.57
N GLU A 74 12.52 7.62 -15.30
CA GLU A 74 13.78 8.12 -15.91
C GLU A 74 13.42 9.17 -16.96
N ASP A 75 12.37 8.91 -17.73
CA ASP A 75 11.87 9.83 -18.80
C ASP A 75 11.50 11.16 -18.18
N LEU A 76 10.89 11.14 -16.98
CA LEU A 76 10.47 12.38 -16.28
C LEU A 76 11.71 13.12 -15.77
N SER A 77 12.61 12.38 -15.12
CA SER A 77 13.82 12.96 -14.48
C SER A 77 14.60 13.74 -15.54
N ASN A 78 14.41 13.38 -16.80
CA ASN A 78 15.22 13.93 -17.94
C ASN A 78 14.63 15.27 -18.41
N LYS A 79 13.44 15.65 -17.93
CA LYS A 79 12.78 16.93 -18.32
C LYS A 79 13.04 17.97 -17.23
N LYS A 80 12.16 18.95 -17.09
CA LYS A 80 12.47 20.19 -16.34
C LYS A 80 11.62 20.29 -15.07
N TYR A 81 11.16 19.16 -14.51
CA TYR A 81 10.38 19.15 -13.24
C TYR A 81 11.29 19.64 -12.10
N LYS A 82 10.69 20.33 -11.12
CA LYS A 82 11.37 20.80 -9.89
C LYS A 82 11.45 19.66 -8.89
N GLY A 83 10.43 18.78 -8.89
CA GLY A 83 10.29 17.69 -7.91
C GLY A 83 9.47 16.53 -8.44
N ILE A 84 9.70 15.34 -7.89
CA ILE A 84 8.92 14.13 -8.25
C ILE A 84 8.47 13.45 -6.96
N ALA A 85 7.17 13.22 -6.81
CA ALA A 85 6.62 12.35 -5.75
C ALA A 85 6.29 11.00 -6.37
N PHE A 86 6.62 9.91 -5.69
CA PHE A 86 6.60 8.57 -6.32
C PHE A 86 6.19 7.52 -5.29
N ALA A 87 5.43 6.55 -5.79
CA ALA A 87 5.14 5.27 -5.11
C ALA A 87 5.69 4.14 -5.98
N PRO A 88 6.83 3.55 -5.59
CA PRO A 88 7.46 2.51 -6.41
C PRO A 88 6.67 1.19 -6.36
N LEU A 89 6.68 0.45 -7.46
CA LEU A 89 5.96 -0.85 -7.53
C LEU A 89 6.61 -1.84 -6.56
N SER A 90 7.93 -1.75 -6.35
CA SER A 90 8.69 -2.61 -5.39
C SER A 90 9.62 -1.75 -4.55
N SER A 91 10.22 -2.33 -3.51
CA SER A 91 11.17 -1.59 -2.64
C SER A 91 12.37 -1.14 -3.48
N VAL A 92 12.74 -1.85 -4.56
CA VAL A 92 14.06 -1.64 -5.23
C VAL A 92 13.94 -1.03 -6.64
N ASN A 93 12.81 -1.15 -7.34
CA ASN A 93 12.81 -0.94 -8.81
C ASN A 93 13.17 0.53 -9.15
N LEU A 94 12.88 1.49 -8.29
CA LEU A 94 13.11 2.93 -8.60
C LEU A 94 14.37 3.47 -7.90
N VAL A 95 15.17 2.63 -7.23
CA VAL A 95 16.33 3.11 -6.43
C VAL A 95 17.23 3.96 -7.34
N MET A 96 17.61 3.42 -8.50
CA MET A 96 18.66 4.05 -9.35
C MET A 96 18.13 5.36 -9.95
N PRO A 97 16.88 5.42 -10.48
CA PRO A 97 16.37 6.67 -11.04
C PRO A 97 16.05 7.75 -9.99
N VAL A 98 15.67 7.33 -8.79
CA VAL A 98 15.45 8.28 -7.65
C VAL A 98 16.81 8.89 -7.27
N ALA A 99 17.87 8.09 -7.25
CA ALA A 99 19.23 8.59 -6.90
C ALA A 99 19.64 9.64 -7.94
N ARG A 100 19.39 9.33 -9.21
CA ARG A 100 19.73 10.19 -10.39
C ARG A 100 19.02 11.54 -10.23
N ALA A 101 17.73 11.52 -9.87
CA ALA A 101 16.90 12.73 -9.68
C ALA A 101 17.45 13.53 -8.50
N TRP A 102 17.84 12.87 -7.42
CA TRP A 102 18.36 13.57 -6.21
C TRP A 102 19.67 14.28 -6.57
N GLN A 103 20.55 13.58 -7.29
CA GLN A 103 21.87 14.09 -7.73
C GLN A 103 21.64 15.32 -8.60
N LYS A 104 20.59 15.32 -9.41
CA LYS A 104 20.29 16.39 -10.39
C LYS A 104 19.70 17.59 -9.65
N GLY A 105 19.27 17.41 -8.39
CA GLY A 105 18.74 18.48 -7.52
C GLY A 105 17.22 18.58 -7.52
N LEU A 106 16.50 17.50 -7.85
CA LEU A 106 15.01 17.44 -7.77
C LEU A 106 14.58 17.16 -6.33
N TYR A 107 13.48 17.78 -5.92
CA TYR A 107 12.86 17.54 -4.59
C TYR A 107 11.98 16.30 -4.70
N LEU A 108 12.36 15.24 -3.99
CA LEU A 108 11.77 13.88 -4.10
C LEU A 108 10.96 13.59 -2.84
N VAL A 109 9.72 13.11 -3.02
CA VAL A 109 8.88 12.63 -1.89
C VAL A 109 8.38 11.21 -2.21
N ASN A 110 8.68 10.29 -1.30
CA ASN A 110 8.23 8.87 -1.34
C ASN A 110 6.80 8.83 -0.83
N LEU A 111 5.86 8.30 -1.63
CA LEU A 111 4.44 8.12 -1.22
C LEU A 111 4.23 6.64 -0.95
N ASP A 112 3.71 6.31 0.25
CA ASP A 112 2.95 5.06 0.53
C ASP A 112 3.91 3.88 0.74
N GLU A 113 4.62 3.51 -0.32
CA GLU A 113 5.41 2.26 -0.47
C GLU A 113 6.89 2.62 -0.31
N LYS A 114 7.49 2.25 0.82
CA LYS A 114 8.82 2.75 1.24
C LYS A 114 9.89 2.22 0.27
N ILE A 115 10.61 3.14 -0.36
CA ILE A 115 11.83 2.76 -1.15
C ILE A 115 12.90 2.21 -0.19
N ASP A 116 13.76 1.35 -0.71
CA ASP A 116 14.89 0.73 0.03
C ASP A 116 15.95 1.80 0.31
N MET A 117 15.93 2.41 1.49
CA MET A 117 16.76 3.60 1.82
C MET A 117 18.24 3.20 1.91
N ASP A 118 18.55 1.96 2.29
CA ASP A 118 19.95 1.48 2.31
C ASP A 118 20.49 1.48 0.88
N ASN A 119 19.74 0.90 -0.06
CA ASN A 119 20.21 0.83 -1.47
C ASN A 119 20.23 2.23 -2.08
N LEU A 120 19.31 3.09 -1.65
CA LEU A 120 19.23 4.48 -2.19
C LEU A 120 20.48 5.24 -1.72
N LYS A 121 20.88 5.05 -0.46
CA LYS A 121 22.07 5.74 0.06
C LYS A 121 23.30 5.26 -0.70
N LYS A 122 23.40 3.96 -0.92
CA LYS A 122 24.56 3.36 -1.63
C LYS A 122 24.65 3.98 -3.03
N ALA A 123 23.51 4.25 -3.67
CA ALA A 123 23.41 4.81 -5.04
C ALA A 123 23.66 6.33 -5.02
N GLY A 124 23.73 6.91 -3.82
CA GLY A 124 23.97 8.35 -3.64
C GLY A 124 22.73 9.18 -3.89
N GLY A 125 21.63 8.79 -3.26
CA GLY A 125 20.40 9.57 -3.24
C GLY A 125 19.76 9.60 -1.87
N ASN A 126 18.72 10.42 -1.75
CA ASN A 126 17.87 10.56 -0.55
C ASN A 126 16.49 11.05 -1.01
N VAL A 127 15.55 11.17 -0.07
CA VAL A 127 14.24 11.80 -0.34
C VAL A 127 14.00 12.86 0.73
N GLU A 128 13.28 13.93 0.37
CA GLU A 128 12.85 15.00 1.30
C GLU A 128 12.02 14.39 2.44
N GLY A 129 11.18 13.41 2.12
CA GLY A 129 10.17 12.88 3.05
C GLY A 129 9.53 11.60 2.56
N PHE A 130 8.84 10.92 3.47
CA PHE A 130 8.03 9.71 3.22
C PHE A 130 6.69 9.91 3.92
N VAL A 131 5.61 9.78 3.15
CA VAL A 131 4.23 9.92 3.68
C VAL A 131 3.54 8.56 3.48
N THR A 132 3.04 7.97 4.56
CA THR A 132 2.48 6.61 4.53
C THR A 132 1.40 6.47 5.62
N THR A 133 0.80 5.30 5.65
CA THR A 133 -0.02 4.80 6.76
C THR A 133 0.91 4.03 7.70
N ASP A 134 0.57 3.97 8.98
CA ASP A 134 1.23 3.04 9.91
C ASP A 134 0.76 1.63 9.56
N ASN A 135 1.53 0.91 8.77
CA ASN A 135 1.07 -0.33 8.12
C ASN A 135 1.19 -1.49 9.12
N VAL A 136 2.04 -1.35 10.12
CA VAL A 136 2.05 -2.32 11.26
C VAL A 136 0.70 -2.23 11.98
N ALA A 137 0.20 -1.03 12.30
CA ALA A 137 -1.09 -0.83 13.02
C ALA A 137 -2.25 -1.32 12.13
N VAL A 138 -2.14 -1.12 10.82
CA VAL A 138 -3.16 -1.64 9.85
C VAL A 138 -3.28 -3.15 10.02
N GLY A 139 -2.17 -3.88 9.96
CA GLY A 139 -2.17 -5.34 10.15
C GLY A 139 -2.75 -5.69 11.51
N ALA A 140 -2.36 -4.96 12.55
CA ALA A 140 -2.80 -5.20 13.95
C ALA A 140 -4.31 -5.01 14.06
N LYS A 141 -4.85 -3.95 13.48
CA LYS A 141 -6.31 -3.66 13.53
C LYS A 141 -7.08 -4.80 12.84
N GLY A 142 -6.62 -5.25 11.67
CA GLY A 142 -7.27 -6.33 10.90
C GLY A 142 -7.27 -7.61 11.72
N ALA A 143 -6.14 -7.95 12.31
CA ALA A 143 -5.99 -9.17 13.14
C ALA A 143 -6.81 -9.02 14.42
N ASP A 144 -6.80 -7.83 15.04
CA ASP A 144 -7.48 -7.63 16.36
C ASP A 144 -8.99 -7.77 16.18
N PHE A 145 -9.51 -7.32 15.05
CA PHE A 145 -10.94 -7.43 14.72
C PHE A 145 -11.31 -8.91 14.53
N ILE A 146 -10.46 -9.70 13.86
CA ILE A 146 -10.69 -11.15 13.64
C ILE A 146 -10.66 -11.87 15.00
N ILE A 147 -9.73 -11.48 15.88
CA ILE A 147 -9.58 -12.10 17.23
C ILE A 147 -10.86 -11.82 18.01
N ASN A 148 -11.31 -10.55 17.98
CA ASN A 148 -12.55 -10.11 18.67
C ASN A 148 -13.73 -10.92 18.10
N LYS A 149 -13.85 -11.03 16.78
CA LYS A 149 -15.01 -11.72 16.16
C LYS A 149 -15.01 -13.21 16.54
N LEU A 150 -13.86 -13.89 16.55
CA LEU A 150 -13.83 -15.37 16.75
C LEU A 150 -14.12 -15.70 18.24
N GLY A 151 -13.98 -14.73 19.15
CA GLY A 151 -14.24 -14.90 20.59
C GLY A 151 -13.29 -15.91 21.25
N ALA A 152 -13.67 -16.42 22.42
CA ALA A 152 -12.88 -17.37 23.24
C ALA A 152 -12.50 -18.61 22.40
N GLU A 153 -13.36 -19.07 21.49
CA GLU A 153 -13.16 -20.32 20.69
C GLU A 153 -11.96 -20.12 19.74
N GLY A 154 -11.77 -18.91 19.21
CA GLY A 154 -10.62 -18.60 18.35
C GLY A 154 -10.64 -19.46 17.11
N GLY A 155 -9.49 -20.04 16.74
CA GLY A 155 -9.38 -20.98 15.61
C GLY A 155 -8.28 -20.60 14.63
N GLU A 156 -8.30 -21.24 13.47
CA GLU A 156 -7.21 -21.18 12.46
C GLU A 156 -7.43 -19.91 11.61
N VAL A 157 -6.36 -19.17 11.34
CA VAL A 157 -6.41 -17.96 10.48
C VAL A 157 -5.28 -18.03 9.45
N ALA A 158 -5.42 -17.22 8.40
CA ALA A 158 -4.42 -17.08 7.33
C ALA A 158 -4.32 -15.63 6.89
N ILE A 159 -3.10 -15.27 6.49
CA ILE A 159 -2.77 -13.97 5.87
C ILE A 159 -2.50 -14.16 4.38
N ILE A 160 -3.13 -13.30 3.59
CA ILE A 160 -2.89 -13.19 2.13
C ILE A 160 -2.06 -11.92 1.92
N GLU A 161 -0.79 -12.13 1.58
CA GLU A 161 0.24 -11.06 1.63
C GLU A 161 0.27 -10.33 0.29
N GLY A 162 0.82 -9.13 0.28
CA GLY A 162 1.17 -8.44 -0.97
C GLY A 162 2.43 -8.99 -1.59
N LYS A 163 3.05 -8.21 -2.46
CA LYS A 163 4.34 -8.60 -3.07
C LYS A 163 5.38 -8.76 -1.95
N ALA A 164 6.09 -9.89 -1.97
CA ALA A 164 7.24 -10.16 -1.07
C ALA A 164 8.23 -8.99 -1.15
N GLY A 165 8.64 -8.47 0.00
CA GLY A 165 9.72 -7.48 0.09
C GLY A 165 9.20 -6.06 0.01
N ASN A 166 7.92 -5.87 -0.35
CA ASN A 166 7.28 -4.54 -0.29
C ASN A 166 7.03 -4.19 1.18
N ALA A 167 7.54 -3.03 1.61
CA ALA A 167 7.47 -2.55 3.00
C ALA A 167 6.01 -2.43 3.44
N SER A 168 5.12 -1.98 2.55
CA SER A 168 3.68 -1.81 2.88
C SER A 168 3.13 -3.15 3.36
N GLY A 169 3.19 -4.15 2.48
CA GLY A 169 2.68 -5.52 2.76
C GLY A 169 3.37 -6.12 3.97
N GLU A 170 4.70 -6.08 3.98
CA GLU A 170 5.49 -6.76 5.03
C GLU A 170 5.05 -6.20 6.39
N ALA A 171 4.87 -4.88 6.48
CA ALA A 171 4.45 -4.22 7.74
C ALA A 171 3.07 -4.73 8.16
N ARG A 172 2.14 -4.89 7.22
CA ARG A 172 0.76 -5.39 7.53
C ARG A 172 0.82 -6.85 7.95
N ARG A 173 1.63 -7.66 7.23
CA ARG A 173 1.90 -9.09 7.57
C ARG A 173 2.38 -9.15 9.03
N ASN A 174 3.36 -8.31 9.35
CA ASN A 174 4.09 -8.40 10.64
C ASN A 174 3.16 -7.96 11.76
N GLY A 175 2.41 -6.87 11.56
CA GLY A 175 1.43 -6.38 12.56
C GLY A 175 0.36 -7.43 12.86
N ALA A 176 -0.18 -8.06 11.82
CA ALA A 176 -1.24 -9.09 11.93
C ALA A 176 -0.65 -10.32 12.64
N THR A 177 0.53 -10.74 12.21
CA THR A 177 1.16 -11.96 12.71
C THR A 177 1.39 -11.83 14.22
N GLU A 178 1.92 -10.69 14.63
CA GLU A 178 2.33 -10.44 16.04
C GLU A 178 1.07 -10.31 16.90
N ALA A 179 0.01 -9.73 16.35
CA ALA A 179 -1.31 -9.68 17.01
C ALA A 179 -1.84 -11.10 17.20
N PHE A 180 -1.88 -11.91 16.15
CA PHE A 180 -2.39 -13.30 16.20
C PHE A 180 -1.59 -14.10 17.22
N LYS A 181 -0.29 -13.85 17.28
CA LYS A 181 0.64 -14.66 18.11
C LYS A 181 0.27 -14.46 19.59
N LYS A 182 -0.10 -13.24 19.97
CA LYS A 182 -0.35 -12.86 21.38
C LYS A 182 -1.64 -13.54 21.88
N ALA A 183 -2.46 -14.05 20.97
CA ALA A 183 -3.78 -14.67 21.28
C ALA A 183 -3.68 -16.20 21.21
N ASN A 184 -3.56 -16.81 22.40
CA ASN A 184 -3.43 -18.27 22.66
C ASN A 184 -4.37 -19.05 21.74
N GLN A 185 -5.59 -18.56 21.57
CA GLN A 185 -6.70 -19.37 20.98
C GLN A 185 -6.63 -19.31 19.45
N ILE A 186 -5.69 -18.53 18.89
CA ILE A 186 -5.50 -18.39 17.41
C ILE A 186 -4.31 -19.25 16.96
N LYS A 187 -4.40 -19.82 15.76
CA LYS A 187 -3.28 -20.53 15.10
C LYS A 187 -3.17 -19.99 13.67
N LEU A 188 -2.08 -19.30 13.36
CA LEU A 188 -1.81 -18.82 11.99
C LEU A 188 -1.26 -19.99 11.16
N VAL A 189 -2.08 -20.55 10.27
CA VAL A 189 -1.74 -21.84 9.59
C VAL A 189 -1.05 -21.54 8.26
N ALA A 190 -1.20 -20.32 7.73
CA ALA A 190 -0.62 -19.97 6.40
C ALA A 190 -0.58 -18.46 6.24
N SER A 191 0.46 -18.00 5.53
CA SER A 191 0.79 -16.57 5.35
C SER A 191 1.60 -16.45 4.07
N GLN A 192 0.92 -16.14 2.98
CA GLN A 192 1.40 -16.42 1.61
C GLN A 192 1.15 -15.22 0.71
N PRO A 193 2.15 -14.87 -0.12
CA PRO A 193 2.02 -13.76 -1.05
C PRO A 193 1.00 -14.04 -2.16
N ALA A 194 0.20 -13.03 -2.51
CA ALA A 194 -0.58 -13.02 -3.76
C ALA A 194 -0.38 -11.72 -4.55
N ASP A 195 0.70 -10.98 -4.27
CA ASP A 195 1.28 -9.97 -5.22
C ASP A 195 0.24 -8.92 -5.62
N TRP A 196 -0.68 -8.58 -4.72
CA TRP A 196 -1.69 -7.52 -4.92
C TRP A 196 -2.62 -7.89 -6.09
N ASP A 197 -2.74 -9.17 -6.42
CA ASP A 197 -3.47 -9.64 -7.62
C ASP A 197 -4.75 -10.38 -7.20
N ARG A 198 -5.89 -10.04 -7.80
CA ARG A 198 -7.20 -10.60 -7.41
C ARG A 198 -7.22 -12.12 -7.64
N ILE A 199 -6.86 -12.56 -8.84
CA ILE A 199 -6.94 -14.00 -9.21
C ILE A 199 -5.89 -14.79 -8.43
N LYS A 200 -4.67 -14.27 -8.25
CA LYS A 200 -3.65 -14.98 -7.44
C LYS A 200 -4.17 -15.13 -6.01
N ALA A 201 -4.83 -14.10 -5.45
CA ALA A 201 -5.40 -14.15 -4.08
C ALA A 201 -6.51 -15.22 -4.04
N LEU A 202 -7.31 -15.31 -5.10
CA LEU A 202 -8.42 -16.31 -5.19
C LEU A 202 -7.79 -17.71 -5.23
N ASP A 203 -6.73 -17.91 -6.01
CA ASP A 203 -6.06 -19.23 -6.10
C ASP A 203 -5.50 -19.58 -4.71
N VAL A 204 -4.72 -18.68 -4.10
CA VAL A 204 -4.06 -18.98 -2.81
C VAL A 204 -5.12 -19.31 -1.75
N ALA A 205 -6.16 -18.48 -1.62
CA ALA A 205 -7.22 -18.68 -0.61
C ALA A 205 -7.91 -20.02 -0.89
N THR A 206 -8.17 -20.35 -2.17
CA THR A 206 -8.85 -21.61 -2.54
C THR A 206 -8.04 -22.78 -1.95
N ASN A 207 -6.73 -22.74 -2.15
CA ASN A 207 -5.81 -23.82 -1.73
C ASN A 207 -5.71 -23.84 -0.20
N VAL A 208 -5.68 -22.67 0.44
CA VAL A 208 -5.57 -22.58 1.93
C VAL A 208 -6.81 -23.25 2.51
N LEU A 209 -7.96 -22.96 1.94
CA LEU A 209 -9.25 -23.55 2.38
C LEU A 209 -9.21 -25.06 2.22
N GLN A 210 -8.74 -25.55 1.07
CA GLN A 210 -8.71 -27.01 0.77
C GLN A 210 -7.80 -27.70 1.80
N ARG A 211 -6.68 -27.06 2.18
CA ARG A 211 -5.65 -27.69 3.04
C ARG A 211 -6.07 -27.55 4.51
N ASN A 212 -6.96 -26.61 4.80
CA ASN A 212 -7.31 -26.21 6.19
C ASN A 212 -8.82 -26.14 6.32
N PRO A 213 -9.51 -27.30 6.36
CA PRO A 213 -10.97 -27.32 6.35
C PRO A 213 -11.60 -26.56 7.54
N ASN A 214 -10.82 -26.30 8.60
CA ASN A 214 -11.31 -25.62 9.83
C ASN A 214 -10.90 -24.15 9.81
N LEU A 215 -10.41 -23.62 8.69
CA LEU A 215 -10.03 -22.20 8.65
C LEU A 215 -11.22 -21.34 9.13
N LYS A 216 -10.94 -20.29 9.90
CA LYS A 216 -11.97 -19.37 10.44
C LYS A 216 -11.90 -17.99 9.78
N ALA A 217 -10.76 -17.57 9.24
CA ALA A 217 -10.57 -16.16 8.82
C ALA A 217 -9.32 -15.98 7.95
N PHE A 218 -9.42 -15.03 7.01
CA PHE A 218 -8.30 -14.43 6.27
C PHE A 218 -8.17 -12.96 6.67
N TYR A 219 -6.95 -12.54 6.92
CA TYR A 219 -6.56 -11.12 6.79
C TYR A 219 -5.80 -10.94 5.47
N CYS A 220 -6.18 -9.94 4.68
CA CYS A 220 -5.65 -9.70 3.31
C CYS A 220 -5.03 -8.31 3.27
N ALA A 221 -3.81 -8.21 2.76
CA ALA A 221 -3.00 -6.98 2.85
C ALA A 221 -3.54 -5.89 1.91
N ASN A 222 -4.46 -6.20 0.97
CA ASN A 222 -5.25 -5.15 0.31
C ASN A 222 -6.57 -5.70 -0.25
N ASP A 223 -7.42 -4.78 -0.71
CA ASP A 223 -8.82 -5.08 -1.08
C ASP A 223 -8.85 -5.80 -2.44
N THR A 224 -7.95 -5.46 -3.38
CA THR A 224 -7.86 -6.20 -4.66
C THR A 224 -7.80 -7.69 -4.34
N MET A 225 -6.97 -8.06 -3.38
CA MET A 225 -6.75 -9.48 -3.01
C MET A 225 -7.94 -9.95 -2.18
N ALA A 226 -8.45 -9.12 -1.27
CA ALA A 226 -9.55 -9.49 -0.35
C ALA A 226 -10.79 -9.87 -1.17
N MET A 227 -11.00 -9.23 -2.33
CA MET A 227 -12.17 -9.53 -3.17
C MET A 227 -11.99 -10.90 -3.85
N GLY A 228 -10.77 -11.26 -4.26
CA GLY A 228 -10.47 -12.61 -4.78
C GLY A 228 -10.63 -13.66 -3.69
N VAL A 229 -10.24 -13.32 -2.47
CA VAL A 229 -10.36 -14.21 -1.30
C VAL A 229 -11.85 -14.45 -1.03
N ALA A 230 -12.66 -13.40 -1.04
CA ALA A 230 -14.11 -13.50 -0.78
C ALA A 230 -14.73 -14.41 -1.85
N GLN A 231 -14.25 -14.33 -3.09
CA GLN A 231 -14.77 -15.17 -4.20
C GLN A 231 -14.37 -16.63 -3.92
N ALA A 232 -13.15 -16.89 -3.41
CA ALA A 232 -12.70 -18.26 -3.04
C ALA A 232 -13.63 -18.83 -1.96
N VAL A 233 -13.95 -18.02 -0.96
CA VAL A 233 -14.78 -18.43 0.20
C VAL A 233 -16.17 -18.77 -0.33
N ALA A 234 -16.75 -17.92 -1.17
CA ALA A 234 -18.08 -18.17 -1.81
C ALA A 234 -18.01 -19.47 -2.60
N ASN A 235 -16.96 -19.66 -3.40
CA ASN A 235 -16.81 -20.84 -4.29
C ASN A 235 -16.86 -22.11 -3.44
N ALA A 236 -16.30 -22.06 -2.22
CA ALA A 236 -16.15 -23.22 -1.32
C ALA A 236 -17.42 -23.37 -0.46
N GLY A 237 -18.41 -22.49 -0.64
CA GLY A 237 -19.72 -22.55 0.03
C GLY A 237 -19.65 -22.00 1.46
N LYS A 238 -18.76 -21.04 1.72
CA LYS A 238 -18.31 -20.76 3.10
C LYS A 238 -18.50 -19.29 3.44
N ILE A 239 -19.43 -18.61 2.76
CA ILE A 239 -19.68 -17.15 2.98
C ILE A 239 -20.19 -17.00 4.41
N GLY A 240 -19.61 -16.10 5.20
CA GLY A 240 -20.00 -15.85 6.60
C GLY A 240 -19.30 -16.80 7.57
N LYS A 241 -19.02 -18.05 7.16
CA LYS A 241 -18.37 -19.11 7.99
C LYS A 241 -16.86 -18.89 8.07
N VAL A 242 -16.29 -18.22 7.08
CA VAL A 242 -14.86 -17.82 7.04
C VAL A 242 -14.78 -16.29 6.89
N LEU A 243 -14.28 -15.58 7.89
CA LEU A 243 -14.21 -14.09 7.84
C LEU A 243 -13.20 -13.67 6.76
N VAL A 244 -13.45 -12.51 6.16
CA VAL A 244 -12.49 -11.93 5.17
C VAL A 244 -12.32 -10.46 5.50
N VAL A 245 -11.09 -10.06 5.80
CA VAL A 245 -10.75 -8.64 6.13
C VAL A 245 -9.74 -8.13 5.12
N GLY A 246 -10.06 -7.00 4.50
CA GLY A 246 -9.21 -6.38 3.49
C GLY A 246 -8.48 -5.18 4.05
N THR A 247 -7.92 -4.38 3.15
CA THR A 247 -7.21 -3.13 3.48
C THR A 247 -7.22 -2.20 2.26
N ASP A 248 -7.64 -0.95 2.49
CA ASP A 248 -7.59 0.22 1.55
C ASP A 248 -8.91 0.99 1.70
N GLY A 249 -10.04 0.27 1.74
CA GLY A 249 -11.39 0.85 1.67
C GLY A 249 -11.75 1.32 0.26
N ILE A 250 -11.47 0.52 -0.76
CA ILE A 250 -11.92 0.83 -2.15
C ILE A 250 -13.43 0.61 -2.23
N PRO A 251 -14.11 1.31 -3.16
CA PRO A 251 -15.57 1.30 -3.19
C PRO A 251 -16.20 -0.11 -3.21
N GLU A 252 -15.67 -1.01 -4.03
CA GLU A 252 -16.26 -2.36 -4.22
C GLU A 252 -16.13 -3.17 -2.92
N ALA A 253 -15.07 -2.97 -2.15
CA ALA A 253 -14.84 -3.69 -0.87
C ALA A 253 -15.79 -3.12 0.20
N ARG A 254 -16.00 -1.81 0.20
CA ARG A 254 -16.92 -1.16 1.16
C ARG A 254 -18.34 -1.67 0.89
N LYS A 255 -18.67 -1.89 -0.39
CA LYS A 255 -19.99 -2.45 -0.78
C LYS A 255 -20.07 -3.90 -0.31
N MET A 256 -19.06 -4.73 -0.63
CA MET A 256 -18.97 -6.14 -0.15
C MET A 256 -19.15 -6.17 1.37
N VAL A 257 -18.53 -5.23 2.11
CA VAL A 257 -18.62 -5.19 3.60
C VAL A 257 -20.08 -4.93 3.98
N GLU A 258 -20.70 -3.96 3.32
CA GLU A 258 -22.06 -3.49 3.66
C GLU A 258 -23.06 -4.64 3.40
N ALA A 259 -22.73 -5.53 2.45
CA ALA A 259 -23.60 -6.62 1.94
C ALA A 259 -23.26 -7.96 2.61
N GLY A 260 -22.20 -7.98 3.43
CA GLY A 260 -21.74 -9.16 4.18
C GLY A 260 -20.98 -10.15 3.32
N GLN A 261 -20.45 -9.73 2.17
CA GLN A 261 -19.55 -10.57 1.32
C GLN A 261 -18.10 -10.45 1.80
N MET A 262 -17.75 -9.31 2.41
CA MET A 262 -16.49 -9.12 3.18
C MET A 262 -16.87 -8.74 4.61
N THR A 263 -16.12 -9.22 5.59
CA THR A 263 -16.40 -8.95 7.03
C THR A 263 -16.07 -7.48 7.33
N ALA A 264 -14.90 -7.01 6.89
CA ALA A 264 -14.37 -5.67 7.22
C ALA A 264 -13.22 -5.32 6.28
N THR A 265 -12.84 -4.05 6.26
CA THR A 265 -11.60 -3.59 5.60
C THR A 265 -11.00 -2.46 6.43
N VAL A 266 -9.68 -2.49 6.58
CA VAL A 266 -8.92 -1.41 7.25
C VAL A 266 -8.68 -0.32 6.20
N ALA A 267 -9.54 0.70 6.20
CA ALA A 267 -9.51 1.77 5.18
C ALA A 267 -8.23 2.57 5.34
N GLN A 268 -7.67 3.00 4.21
CA GLN A 268 -6.64 4.05 4.17
C GLN A 268 -7.25 5.33 3.58
N ASN A 269 -6.47 6.39 3.58
CA ASN A 269 -6.87 7.68 2.98
C ASN A 269 -5.81 8.08 1.95
N PRO A 270 -5.81 7.40 0.78
CA PRO A 270 -4.84 7.72 -0.26
C PRO A 270 -4.89 9.19 -0.74
N ALA A 271 -6.06 9.84 -0.74
CA ALA A 271 -6.18 11.27 -1.11
C ALA A 271 -5.27 12.11 -0.20
N ASP A 272 -5.33 11.86 1.11
CA ASP A 272 -4.55 12.59 2.15
C ASP A 272 -3.06 12.19 2.07
N ILE A 273 -2.73 10.93 1.78
CA ILE A 273 -1.32 10.52 1.56
C ILE A 273 -0.75 11.34 0.40
N GLY A 274 -1.49 11.44 -0.70
CA GLY A 274 -1.11 12.22 -1.89
C GLY A 274 -0.97 13.70 -1.59
N ALA A 275 -2.01 14.31 -1.02
CA ALA A 275 -2.06 15.76 -0.74
C ALA A 275 -0.95 16.14 0.23
N THR A 276 -0.71 15.32 1.26
CA THR A 276 0.34 15.58 2.28
C THR A 276 1.72 15.45 1.62
N GLY A 277 1.91 14.46 0.76
CA GLY A 277 3.19 14.25 0.04
C GLY A 277 3.49 15.40 -0.90
N LEU A 278 2.49 15.89 -1.63
CA LEU A 278 2.68 17.05 -2.52
C LEU A 278 3.16 18.25 -1.68
N LYS A 279 2.44 18.53 -0.59
CA LYS A 279 2.70 19.76 0.20
C LYS A 279 4.11 19.67 0.79
N LEU A 280 4.54 18.47 1.19
CA LEU A 280 5.91 18.22 1.71
C LEU A 280 6.91 18.54 0.59
N MET A 281 6.62 18.13 -0.65
CA MET A 281 7.51 18.37 -1.81
C MET A 281 7.60 19.87 -2.06
N VAL A 282 6.47 20.56 -2.07
CA VAL A 282 6.39 22.01 -2.40
C VAL A 282 7.10 22.79 -1.29
N ASP A 283 6.89 22.41 -0.03
CA ASP A 283 7.52 23.08 1.14
C ASP A 283 9.05 22.89 1.07
N ALA A 284 9.52 21.71 0.67
CA ALA A 284 10.96 21.40 0.54
C ALA A 284 11.57 22.25 -0.58
N ALA A 285 10.94 22.31 -1.75
CA ALA A 285 11.45 23.05 -2.93
C ALA A 285 11.62 24.53 -2.59
N LYS A 286 10.76 25.05 -1.72
CA LYS A 286 10.79 26.49 -1.34
C LYS A 286 12.08 26.80 -0.58
N THR A 287 12.71 25.82 0.08
CA THR A 287 13.96 26.07 0.87
C THR A 287 15.12 26.33 -0.09
N GLY A 288 15.03 25.83 -1.32
CA GLY A 288 16.03 26.05 -2.39
C GLY A 288 17.25 25.15 -2.25
N LYS A 289 17.26 24.19 -1.32
CA LYS A 289 18.30 23.11 -1.35
C LYS A 289 17.70 21.75 -0.99
N VAL A 290 18.11 20.72 -1.71
CA VAL A 290 17.66 19.32 -1.48
C VAL A 290 18.25 18.83 -0.16
N ILE A 291 17.56 17.87 0.46
CA ILE A 291 18.02 17.24 1.72
C ILE A 291 19.40 16.67 1.50
N PRO A 292 20.33 16.83 2.47
CA PRO A 292 21.64 16.18 2.38
C PRO A 292 21.53 14.65 2.44
N LEU A 293 22.45 13.93 1.79
CA LEU A 293 22.46 12.43 1.76
C LEU A 293 22.31 11.90 3.18
N GLU A 294 22.94 12.57 4.15
CA GLU A 294 23.13 12.02 5.52
C GLU A 294 21.95 12.40 6.42
N LYS A 295 21.00 13.22 5.96
CA LYS A 295 19.89 13.69 6.85
C LYS A 295 18.70 12.72 6.77
N THR A 296 18.09 12.41 7.91
CA THR A 296 16.83 11.62 8.00
C THR A 296 15.70 12.41 7.31
N PRO A 297 14.99 11.77 6.34
CA PRO A 297 13.84 12.42 5.69
C PRO A 297 12.72 12.75 6.67
N GLU A 298 11.91 13.77 6.36
CA GLU A 298 10.63 14.04 7.05
C GLU A 298 9.76 12.78 6.97
N PHE A 299 8.93 12.55 7.97
CA PHE A 299 8.04 11.37 8.08
C PHE A 299 6.65 11.84 8.53
N LYS A 300 5.63 11.56 7.72
CA LYS A 300 4.23 11.92 8.03
C LYS A 300 3.35 10.68 7.88
N LEU A 301 2.53 10.42 8.91
CA LEU A 301 1.57 9.30 8.96
C LEU A 301 0.16 9.83 8.66
N VAL A 302 -0.59 9.07 7.88
CA VAL A 302 -2.04 9.30 7.62
C VAL A 302 -2.81 8.18 8.30
N ASP A 303 -3.84 8.54 9.06
CA ASP A 303 -4.64 7.61 9.89
C ASP A 303 -5.22 6.52 9.01
N SER A 304 -5.42 5.33 9.61
CA SER A 304 -6.30 4.25 9.09
C SER A 304 -7.59 4.18 9.91
N ILE A 305 -8.66 3.61 9.32
CA ILE A 305 -9.91 3.38 10.10
C ILE A 305 -10.54 2.05 9.67
N LEU A 306 -10.84 1.21 10.66
CA LEU A 306 -11.52 -0.09 10.42
C LEU A 306 -12.98 0.15 10.00
N VAL A 307 -13.37 -0.43 8.86
CA VAL A 307 -14.75 -0.34 8.32
C VAL A 307 -15.41 -1.71 8.48
N THR A 308 -16.55 -1.74 9.16
CA THR A 308 -17.28 -2.98 9.56
C THR A 308 -18.71 -2.88 9.03
N LYS A 309 -19.47 -3.97 9.13
CA LYS A 309 -20.92 -3.95 8.80
C LYS A 309 -21.62 -2.98 9.76
C1 ALL B . 0.07 -0.52 -1.13
C2 ALL B . -1.04 0.50 -0.87
C3 ALL B . -2.40 -0.10 -1.15
C4 ALL B . -2.44 -0.64 -2.58
C5 ALL B . -1.27 -1.63 -2.79
C6 ALL B . -1.18 -2.19 -4.19
O1 ALL B . 1.35 0.01 -0.97
O2 ALL B . -0.94 1.05 0.44
O3 ALL B . -2.67 -1.14 -0.18
O4 ALL B . -3.67 -1.31 -2.84
O5 ALL B . -0.03 -0.96 -2.49
O6 ALL B . -1.00 -1.21 -5.22
#